data_8VBY
#
_entry.id   8VBY
#
_cell.length_a   1.00
_cell.length_b   1.00
_cell.length_c   1.00
_cell.angle_alpha   90.00
_cell.angle_beta   90.00
_cell.angle_gamma   90.00
#
_symmetry.space_group_name_H-M   'P 1'
#
loop_
_entity.id
_entity.type
_entity.pdbx_description
1 polymer 'Sodium-dependent dopamine transporter'
2 non-polymer 'methyl (1R,2S,3S,5S)-3-(4-fluorophenyl)-8-methyl-8-azabicyclo[3.2.1]octane-2-carboxylate'
3 non-polymer 'methyl (1S,2R,3S,4R,5R)-4-{2-[(5-chlorothiophen-2-yl)ethynyl]-6-(methylamino)-9H-purin-9-yl}-2,3-dihydroxybicyclo[3.1.0]hexane-1-carboxylate'
4 non-polymer 2-acetamido-2-deoxy-beta-D-glucopyranose
5 non-polymer 'CHOLESTEROL HEMISUCCINATE'
6 non-polymer DECANE
7 non-polymer PENTANE
8 non-polymer HEPTANE
9 non-polymer 'ZINC ION'
10 non-polymer 'SODIUM ION'
11 non-polymer DODECANE
12 non-polymer PENTADECANE
13 non-polymer N-OCTANE
14 water water
#
_entity_poly.entity_id   1
_entity_poly.type   'polypeptide(L)'
_entity_poly.pdbx_seq_one_letter_code
;GPGGRMAQDRETWGKKIDFLLSVIGFAVDLANVWRFPYLCYKNGGGAFLVPYLLFMVIAGMPLFYMELALGQFNREGAAG
VWKICPILKGVGFTVILISLYVGFFYNVIIAWALHYLFSSFTTELPWIHCNNSWNSPNCSDAHPGDSSGDSSGLNDTFGT
TPAAEYFERGVLHLHQSHGIDDLGPPRWQLTACLVLVYVLLYFSLWKGVKTSGKVVWITATMPYVVLTALLLRGVTLPGA
IDGIRAYLSVDFYRLCEASVWIDAATQVCFSLGVGFGVLIAFSSYNKFTNNCYRDAIVTTSINSLTSFSSGFVVFSFLGY
MAQKHSVPIGDVAKDGPGLIFIIYPEAIATLPLSSAWAVVFFIMLLTLGIDSAMGGMESVITGLIDEFQLLHRHRELFTL
FIVLATFLLSLFCVTNGGIYVFTLLDHFAAGTSILFGVLIEAIGVAWFYGVGQFSDDIQQMTGQRPSLYWRLCWKLVSPC
FLLFVVVVSIVTFRPPHYGAYIFPDWANALGWVIATSSMAMVPIYAAYKFCSLPGSFREKLAYAIAPEKDRELVDRGEVR
QFTLRHWLKVI
;
_entity_poly.pdbx_strand_id   A
#
# COMPACT_ATOMS: atom_id res chain seq x y z
N GLN A 8 -24.82 -0.69 -22.21
CA GLN A 8 -23.62 -1.37 -22.68
C GLN A 8 -23.04 -2.26 -21.58
N ASP A 9 -22.42 -3.36 -21.98
CA ASP A 9 -21.83 -4.29 -21.03
C ASP A 9 -20.52 -3.76 -20.49
N ARG A 10 -19.94 -4.49 -19.54
CA ARG A 10 -18.68 -4.08 -18.93
C ARG A 10 -17.55 -4.19 -19.93
N GLU A 11 -16.66 -3.19 -19.92
CA GLU A 11 -15.49 -3.21 -20.78
C GLU A 11 -14.39 -4.07 -20.16
N THR A 12 -13.51 -4.58 -21.01
CA THR A 12 -12.43 -5.46 -20.59
C THR A 12 -11.08 -4.83 -20.91
N TRP A 13 -10.03 -5.43 -20.36
CA TRP A 13 -8.67 -4.97 -20.65
C TRP A 13 -8.35 -5.16 -22.13
N GLY A 14 -7.62 -4.21 -22.70
CA GLY A 14 -7.21 -4.35 -24.08
C GLY A 14 -6.34 -5.57 -24.30
N LYS A 15 -5.35 -5.76 -23.44
CA LYS A 15 -4.48 -6.93 -23.47
C LYS A 15 -4.23 -7.39 -22.04
N LYS A 16 -3.91 -8.68 -21.90
CA LYS A 16 -3.65 -9.22 -20.57
C LYS A 16 -2.39 -8.61 -19.96
N ILE A 17 -1.42 -8.22 -20.79
CA ILE A 17 -0.23 -7.57 -20.29
C ILE A 17 -0.58 -6.27 -19.58
N ASP A 18 -1.66 -5.60 -20.02
CA ASP A 18 -2.11 -4.40 -19.33
C ASP A 18 -2.49 -4.71 -17.88
N PHE A 19 -3.29 -5.76 -17.67
CA PHE A 19 -3.70 -6.12 -16.32
C PHE A 19 -2.50 -6.56 -15.47
N LEU A 20 -1.61 -7.37 -16.06
CA LEU A 20 -0.45 -7.84 -15.32
C LEU A 20 0.43 -6.68 -14.89
N LEU A 21 0.73 -5.76 -15.81
CA LEU A 21 1.54 -4.61 -15.48
C LEU A 21 0.85 -3.68 -14.50
N SER A 22 -0.48 -3.56 -14.60
CA SER A 22 -1.21 -2.71 -13.65
C SER A 22 -1.09 -3.25 -12.23
N VAL A 23 -1.32 -4.55 -12.04
CA VAL A 23 -1.25 -5.10 -10.70
C VAL A 23 0.18 -5.11 -10.18
N ILE A 24 1.16 -5.38 -11.05
CA ILE A 24 2.56 -5.35 -10.63
C ILE A 24 2.96 -3.94 -10.22
N GLY A 25 2.57 -2.93 -11.00
CA GLY A 25 2.91 -1.56 -10.66
C GLY A 25 2.25 -1.08 -9.38
N PHE A 26 0.98 -1.46 -9.18
CA PHE A 26 0.32 -1.10 -7.93
C PHE A 26 0.99 -1.76 -6.74
N ALA A 27 1.32 -3.05 -6.85
CA ALA A 27 1.92 -3.75 -5.73
C ALA A 27 3.34 -3.24 -5.46
N VAL A 28 4.13 -3.03 -6.50
CA VAL A 28 5.49 -2.53 -6.32
C VAL A 28 5.41 -1.08 -5.87
N ASP A 29 5.99 -0.80 -4.71
CA ASP A 29 5.83 0.48 -4.04
C ASP A 29 7.16 0.94 -3.49
N LEU A 30 7.22 2.20 -3.07
CA LEU A 30 8.42 2.70 -2.41
C LEU A 30 8.67 1.96 -1.11
N ALA A 31 7.60 1.61 -0.38
CA ALA A 31 7.75 0.83 0.83
C ALA A 31 8.20 -0.60 0.55
N ASN A 32 7.79 -1.16 -0.58
CA ASN A 32 8.25 -2.50 -0.95
C ASN A 32 9.75 -2.52 -1.16
N VAL A 33 10.32 -1.42 -1.64
CA VAL A 33 11.77 -1.32 -1.85
C VAL A 33 12.52 -1.40 -0.52
N TRP A 34 11.96 -0.85 0.55
CA TRP A 34 12.69 -0.67 1.80
C TRP A 34 12.28 -1.62 2.90
N ARG A 35 10.99 -1.92 3.05
CA ARG A 35 10.51 -2.59 4.25
C ARG A 35 11.11 -3.99 4.41
N PHE A 36 11.03 -4.81 3.37
CA PHE A 36 11.56 -6.17 3.46
C PHE A 36 13.07 -6.19 3.69
N PRO A 37 13.90 -5.44 2.96
CA PRO A 37 15.34 -5.45 3.27
C PRO A 37 15.67 -4.92 4.65
N TYR A 38 14.98 -3.88 5.10
CA TYR A 38 15.21 -3.35 6.44
C TYR A 38 14.88 -4.39 7.51
N LEU A 39 13.76 -5.10 7.32
CA LEU A 39 13.40 -6.15 8.27
C LEU A 39 14.38 -7.31 8.20
N CYS A 40 14.89 -7.62 7.01
CA CYS A 40 15.88 -8.68 6.88
C CYS A 40 17.15 -8.33 7.65
N TYR A 41 17.60 -7.09 7.54
CA TYR A 41 18.81 -6.69 8.26
C TYR A 41 18.57 -6.60 9.76
N LYS A 42 17.42 -6.07 10.16
CA LYS A 42 17.18 -5.76 11.58
C LYS A 42 17.20 -7.03 12.43
N ASN A 43 16.41 -8.03 12.05
CA ASN A 43 16.33 -9.28 12.79
C ASN A 43 16.51 -10.44 11.83
N GLY A 44 17.66 -11.11 11.93
CA GLY A 44 17.93 -12.25 11.08
C GLY A 44 18.96 -11.99 10.00
N GLY A 45 18.50 -11.84 8.76
CA GLY A 45 19.37 -11.77 7.61
C GLY A 45 19.00 -12.84 6.60
N GLY A 46 19.87 -13.83 6.44
CA GLY A 46 19.49 -14.99 5.66
C GLY A 46 18.53 -15.92 6.36
N ALA A 47 18.34 -15.75 7.66
CA ALA A 47 17.42 -16.54 8.45
C ALA A 47 16.03 -15.92 8.56
N PHE A 48 15.84 -14.70 8.03
CA PHE A 48 14.52 -14.10 7.99
C PHE A 48 13.67 -14.63 6.84
N LEU A 49 14.27 -15.35 5.90
CA LEU A 49 13.52 -15.92 4.79
C LEU A 49 12.69 -17.12 5.19
N VAL A 50 12.92 -17.71 6.36
CA VAL A 50 12.15 -18.87 6.80
C VAL A 50 10.76 -18.43 7.24
N PRO A 51 10.61 -17.52 8.22
CA PRO A 51 9.25 -17.10 8.59
C PRO A 51 8.52 -16.39 7.46
N TYR A 52 9.23 -15.58 6.67
CA TYR A 52 8.59 -14.85 5.58
C TYR A 52 8.03 -15.81 4.53
N LEU A 53 8.84 -16.76 4.07
CA LEU A 53 8.35 -17.72 3.09
C LEU A 53 7.27 -18.62 3.68
N LEU A 54 7.42 -19.00 4.95
CA LEU A 54 6.40 -19.84 5.59
C LEU A 54 5.05 -19.14 5.60
N PHE A 55 5.02 -17.87 6.03
CA PHE A 55 3.75 -17.15 6.06
C PHE A 55 3.24 -16.81 4.67
N MET A 56 4.14 -16.57 3.72
CA MET A 56 3.72 -16.32 2.35
C MET A 56 3.04 -17.54 1.75
N VAL A 57 3.59 -18.73 1.98
CA VAL A 57 2.96 -19.95 1.49
C VAL A 57 1.66 -20.22 2.23
N ILE A 58 1.65 -20.04 3.55
CA ILE A 58 0.51 -20.46 4.36
C ILE A 58 -0.68 -19.53 4.15
N ALA A 59 -0.47 -18.21 4.24
CA ALA A 59 -1.60 -17.29 4.18
C ALA A 59 -1.30 -16.02 3.38
N GLY A 60 -0.35 -16.06 2.45
CA GLY A 60 -0.08 -14.90 1.63
C GLY A 60 -0.62 -15.05 0.22
N MET A 61 -0.46 -16.24 -0.36
CA MET A 61 -0.95 -16.56 -1.69
C MET A 61 -2.45 -16.84 -1.72
N PRO A 62 -3.02 -17.56 -0.74
CA PRO A 62 -4.47 -17.79 -0.76
C PRO A 62 -5.29 -16.52 -0.77
N LEU A 63 -4.89 -15.48 -0.03
CA LEU A 63 -5.65 -14.24 -0.01
C LEU A 63 -5.62 -13.54 -1.37
N PHE A 64 -4.43 -13.45 -1.98
CA PHE A 64 -4.30 -12.87 -3.30
C PHE A 64 -5.16 -13.62 -4.32
N TYR A 65 -5.07 -14.96 -4.31
CA TYR A 65 -5.84 -15.77 -5.24
C TYR A 65 -7.33 -15.60 -5.02
N MET A 66 -7.78 -15.57 -3.76
CA MET A 66 -9.19 -15.43 -3.47
C MET A 66 -9.71 -14.07 -3.93
N GLU A 67 -8.96 -13.00 -3.68
CA GLU A 67 -9.39 -11.68 -4.11
C GLU A 67 -9.50 -11.61 -5.63
N LEU A 68 -8.49 -12.13 -6.33
CA LEU A 68 -8.52 -12.10 -7.80
C LEU A 68 -9.71 -12.90 -8.33
N ALA A 69 -9.93 -14.10 -7.79
CA ALA A 69 -11.01 -14.95 -8.26
C ALA A 69 -12.37 -14.33 -7.99
N LEU A 70 -12.56 -13.76 -6.80
CA LEU A 70 -13.83 -13.12 -6.47
C LEU A 70 -14.10 -11.96 -7.41
N GLY A 71 -13.11 -11.08 -7.60
CA GLY A 71 -13.31 -9.95 -8.48
C GLY A 71 -13.60 -10.36 -9.92
N GLN A 72 -12.91 -11.39 -10.41
CA GLN A 72 -13.12 -11.81 -11.79
C GLN A 72 -14.48 -12.48 -11.97
N PHE A 73 -14.89 -13.32 -11.02
CA PHE A 73 -16.13 -14.07 -11.19
C PHE A 73 -17.34 -13.17 -11.03
N ASN A 74 -17.35 -12.31 -10.01
CA ASN A 74 -18.58 -11.55 -9.76
C ASN A 74 -18.74 -10.36 -10.68
N ARG A 75 -17.70 -9.96 -11.40
CA ARG A 75 -17.77 -8.91 -12.42
C ARG A 75 -18.34 -7.60 -11.85
N GLU A 76 -17.94 -7.28 -10.62
CA GLU A 76 -18.35 -6.04 -9.98
C GLU A 76 -17.16 -5.44 -9.23
N GLY A 77 -17.36 -4.23 -8.72
CA GLY A 77 -16.31 -3.57 -7.97
C GLY A 77 -16.11 -4.13 -6.58
N ALA A 78 -15.59 -3.32 -5.66
CA ALA A 78 -15.37 -3.79 -4.30
C ALA A 78 -16.67 -3.90 -3.51
N ALA A 79 -17.65 -3.03 -3.81
CA ALA A 79 -18.90 -3.02 -3.06
C ALA A 79 -19.96 -3.93 -3.66
N GLY A 80 -20.05 -3.99 -4.99
CA GLY A 80 -21.01 -4.86 -5.64
C GLY A 80 -20.64 -6.32 -5.69
N VAL A 81 -19.41 -6.66 -5.30
CA VAL A 81 -18.96 -8.05 -5.30
C VAL A 81 -19.62 -8.87 -4.20
N TRP A 82 -20.35 -8.22 -3.29
CA TRP A 82 -20.88 -8.88 -2.11
C TRP A 82 -22.33 -9.31 -2.29
N LYS A 83 -22.73 -9.63 -3.51
CA LYS A 83 -24.03 -10.26 -3.73
C LYS A 83 -24.05 -11.70 -3.22
N ILE A 84 -22.89 -12.27 -2.89
CA ILE A 84 -22.84 -13.60 -2.32
C ILE A 84 -23.24 -13.61 -0.84
N CYS A 85 -23.20 -12.46 -0.18
CA CYS A 85 -23.62 -12.35 1.22
C CYS A 85 -24.02 -10.90 1.45
N PRO A 86 -25.30 -10.57 1.25
CA PRO A 86 -25.72 -9.16 1.32
C PRO A 86 -25.46 -8.49 2.66
N ILE A 87 -25.55 -9.24 3.76
CA ILE A 87 -25.37 -8.62 5.08
C ILE A 87 -23.94 -8.13 5.26
N LEU A 88 -22.96 -8.83 4.69
CA LEU A 88 -21.56 -8.43 4.78
C LEU A 88 -21.15 -7.56 3.59
N LYS A 89 -21.94 -6.53 3.31
CA LYS A 89 -21.61 -5.61 2.22
C LYS A 89 -20.84 -4.39 2.68
N GLY A 90 -20.85 -4.10 3.98
CA GLY A 90 -20.10 -2.97 4.49
C GLY A 90 -18.59 -3.11 4.34
N VAL A 91 -18.11 -4.30 3.99
CA VAL A 91 -16.67 -4.48 3.78
C VAL A 91 -16.22 -3.70 2.56
N GLY A 92 -17.05 -3.66 1.51
CA GLY A 92 -16.69 -2.88 0.33
C GLY A 92 -16.56 -1.40 0.62
N PHE A 93 -17.52 -0.85 1.38
CA PHE A 93 -17.40 0.55 1.78
C PHE A 93 -16.20 0.75 2.71
N THR A 94 -15.89 -0.24 3.54
CA THR A 94 -14.72 -0.13 4.42
C THR A 94 -13.43 -0.01 3.61
N VAL A 95 -13.25 -0.87 2.62
CA VAL A 95 -12.03 -0.82 1.82
C VAL A 95 -12.02 0.42 0.93
N ILE A 96 -13.19 0.88 0.48
CA ILE A 96 -13.25 2.12 -0.29
C ILE A 96 -12.80 3.30 0.58
N LEU A 97 -13.28 3.35 1.83
CA LEU A 97 -12.86 4.40 2.74
C LEU A 97 -11.37 4.31 3.05
N ILE A 98 -10.86 3.09 3.21
CA ILE A 98 -9.42 2.92 3.46
C ILE A 98 -8.61 3.47 2.29
N SER A 99 -9.03 3.14 1.07
CA SER A 99 -8.33 3.63 -0.11
C SER A 99 -8.43 5.15 -0.22
N LEU A 100 -9.58 5.71 0.16
CA LEU A 100 -9.75 7.16 0.12
C LEU A 100 -8.85 7.86 1.14
N TYR A 101 -8.72 7.29 2.33
CA TYR A 101 -7.91 7.92 3.37
C TYR A 101 -6.44 7.96 2.99
N VAL A 102 -5.92 6.87 2.41
CA VAL A 102 -4.51 6.83 2.05
C VAL A 102 -4.17 7.84 0.96
N GLY A 103 -5.16 8.28 0.20
CA GLY A 103 -4.91 9.25 -0.86
C GLY A 103 -4.67 10.66 -0.40
N PHE A 104 -4.66 10.92 0.91
CA PHE A 104 -4.45 12.26 1.43
C PHE A 104 -2.99 12.58 1.71
N PHE A 105 -2.09 11.60 1.64
CA PHE A 105 -0.67 11.85 1.88
C PHE A 105 0.26 11.19 0.87
N TYR A 106 -0.18 10.13 0.18
CA TYR A 106 0.65 9.58 -0.90
C TYR A 106 0.89 10.62 -1.97
N ASN A 107 -0.12 11.45 -2.27
CA ASN A 107 0.04 12.50 -3.26
C ASN A 107 1.03 13.55 -2.80
N VAL A 108 1.09 13.86 -1.50
CA VAL A 108 2.08 14.81 -1.05
C VAL A 108 3.48 14.19 -1.08
N ILE A 109 3.58 12.87 -0.91
CA ILE A 109 4.86 12.20 -1.11
C ILE A 109 5.33 12.39 -2.55
N ILE A 110 4.42 12.17 -3.50
CA ILE A 110 4.78 12.34 -4.91
C ILE A 110 5.10 13.80 -5.20
N ALA A 111 4.40 14.72 -4.54
CA ALA A 111 4.69 16.14 -4.72
C ALA A 111 6.08 16.50 -4.23
N TRP A 112 6.48 15.96 -3.08
CA TRP A 112 7.85 16.19 -2.60
C TRP A 112 8.87 15.64 -3.58
N ALA A 113 8.63 14.43 -4.09
CA ALA A 113 9.56 13.84 -5.05
C ALA A 113 9.66 14.69 -6.31
N LEU A 114 8.52 15.20 -6.79
CA LEU A 114 8.52 15.99 -8.02
C LEU A 114 9.17 17.35 -7.81
N HIS A 115 8.98 17.95 -6.64
CA HIS A 115 9.67 19.20 -6.32
C HIS A 115 11.17 18.99 -6.26
N TYR A 116 11.61 17.88 -5.67
CA TYR A 116 13.05 17.58 -5.64
C TYR A 116 13.59 17.33 -7.04
N LEU A 117 12.78 16.71 -7.91
CA LEU A 117 13.23 16.45 -9.28
C LEU A 117 13.46 17.75 -10.05
N PHE A 118 12.58 18.74 -9.87
CA PHE A 118 12.72 19.99 -10.60
C PHE A 118 13.99 20.72 -10.22
N SER A 119 14.35 20.72 -8.93
CA SER A 119 15.56 21.38 -8.47
C SER A 119 16.77 20.46 -8.57
N SER A 120 16.99 19.90 -9.76
CA SER A 120 18.15 19.07 -10.02
C SER A 120 18.80 19.35 -11.37
N PHE A 121 18.18 20.16 -12.23
CA PHE A 121 18.77 20.51 -13.51
C PHE A 121 19.73 21.68 -13.37
N THR A 122 20.70 21.57 -12.47
CA THR A 122 21.66 22.62 -12.23
C THR A 122 23.03 21.99 -11.99
N THR A 123 24.07 22.80 -12.19
CA THR A 123 25.44 22.35 -11.95
C THR A 123 25.81 22.35 -10.47
N GLU A 124 25.04 23.01 -9.63
CA GLU A 124 25.27 23.04 -8.18
C GLU A 124 23.97 22.64 -7.49
N LEU A 125 23.86 21.36 -7.12
CA LEU A 125 22.67 20.90 -6.44
C LEU A 125 22.56 21.59 -5.08
N PRO A 126 21.38 22.06 -4.69
CA PRO A 126 21.29 22.90 -3.48
C PRO A 126 21.22 22.10 -2.19
N TRP A 127 22.09 21.10 -2.04
CA TRP A 127 22.26 20.41 -0.77
C TRP A 127 23.70 19.92 -0.59
N ILE A 128 24.66 20.61 -1.20
CA ILE A 128 26.06 20.21 -1.14
C ILE A 128 26.72 20.84 0.09
N HIS A 129 26.73 22.17 0.13
CA HIS A 129 27.28 22.91 1.26
C HIS A 129 26.13 23.56 2.04
N CYS A 130 26.48 24.29 3.08
CA CYS A 130 25.48 24.93 3.94
C CYS A 130 25.85 26.38 4.21
N ASN A 131 26.16 27.12 3.14
CA ASN A 131 26.35 28.56 3.20
C ASN A 131 25.25 29.16 2.33
N ASN A 132 24.07 29.36 2.92
CA ASN A 132 22.93 29.93 2.21
C ASN A 132 21.94 30.45 3.24
N SER A 133 20.76 30.87 2.77
CA SER A 133 19.80 31.56 3.63
C SER A 133 19.05 30.61 4.55
N TRP A 134 18.72 29.40 4.08
CA TRP A 134 17.81 28.51 4.79
C TRP A 134 18.53 27.50 5.68
N ASN A 135 19.74 27.83 6.17
CA ASN A 135 20.53 26.94 7.00
C ASN A 135 20.89 27.63 8.32
N SER A 136 20.70 26.91 9.42
CA SER A 136 21.00 27.42 10.74
C SER A 136 22.51 27.41 10.98
N PRO A 137 22.98 28.18 11.98
CA PRO A 137 24.43 28.20 12.26
C PRO A 137 24.93 26.93 12.93
N ASN A 138 24.10 25.89 13.01
CA ASN A 138 24.48 24.63 13.61
C ASN A 138 24.79 23.56 12.56
N CYS A 139 25.27 23.98 11.39
CA CYS A 139 25.73 23.04 10.37
C CYS A 139 27.08 22.46 10.75
N SER A 140 27.19 21.13 10.66
CA SER A 140 28.46 20.45 10.91
C SER A 140 28.41 19.12 10.15
N ASP A 141 29.06 19.07 9.00
CA ASP A 141 29.21 17.83 8.24
C ASP A 141 30.65 17.35 8.42
N ALA A 142 30.85 16.47 9.38
CA ALA A 142 32.18 15.98 9.74
C ALA A 142 32.44 14.65 9.04
N HIS A 143 33.61 14.54 8.41
CA HIS A 143 34.02 13.33 7.70
C HIS A 143 35.37 12.90 8.26
N PRO A 144 35.39 12.09 9.31
CA PRO A 144 36.62 11.59 9.95
C PRO A 144 37.52 10.84 8.98
N ASN A 155 23.78 11.96 20.32
CA ASN A 155 24.63 12.33 19.19
C ASN A 155 24.02 11.86 17.87
N ASP A 156 23.39 12.77 17.15
CA ASP A 156 22.81 12.48 15.85
C ASP A 156 23.82 12.85 14.77
N THR A 157 24.46 11.84 14.18
CA THR A 157 25.47 12.10 13.16
C THR A 157 24.84 12.61 11.86
N PHE A 158 23.62 12.16 11.55
CA PHE A 158 22.92 12.59 10.34
C PHE A 158 21.97 13.75 10.59
N GLY A 159 21.87 14.23 11.82
CA GLY A 159 21.16 15.47 12.07
C GLY A 159 22.03 16.67 11.78
N THR A 160 21.38 17.77 11.39
CA THR A 160 22.05 19.02 11.02
C THR A 160 23.02 18.84 9.87
N THR A 161 22.87 17.78 9.09
CA THR A 161 23.62 17.64 7.85
C THR A 161 23.10 18.65 6.82
N PRO A 162 23.95 19.11 5.91
CA PRO A 162 23.45 20.04 4.87
C PRO A 162 22.26 19.50 4.09
N ALA A 163 22.24 18.20 3.77
CA ALA A 163 21.08 17.64 3.07
C ALA A 163 19.85 17.62 3.98
N ALA A 164 20.02 17.19 5.23
CA ALA A 164 18.90 17.17 6.17
C ALA A 164 18.39 18.57 6.45
N GLU A 165 19.31 19.52 6.66
CA GLU A 165 18.90 20.91 6.90
C GLU A 165 18.18 21.48 5.69
N TYR A 166 18.67 21.19 4.49
CA TYR A 166 17.98 21.63 3.28
C TYR A 166 16.56 21.08 3.24
N PHE A 167 16.42 19.76 3.38
CA PHE A 167 15.09 19.15 3.29
C PHE A 167 14.15 19.68 4.36
N GLU A 168 14.67 19.97 5.55
CA GLU A 168 13.81 20.39 6.65
C GLU A 168 13.50 21.88 6.64
N ARG A 169 14.32 22.71 6.01
CA ARG A 169 14.13 24.15 6.07
C ARG A 169 13.83 24.78 4.72
N GLY A 170 14.62 24.49 3.70
CA GLY A 170 14.42 25.12 2.42
C GLY A 170 13.39 24.46 1.53
N VAL A 171 12.78 23.37 1.98
CA VAL A 171 11.74 22.70 1.20
C VAL A 171 10.46 22.65 2.03
N LEU A 172 10.53 22.02 3.20
CA LEU A 172 9.35 21.85 4.04
C LEU A 172 9.07 23.07 4.90
N HIS A 173 10.09 23.87 5.20
CA HIS A 173 9.97 25.01 6.12
C HIS A 173 9.40 24.56 7.46
N LEU A 174 9.96 23.47 7.98
CA LEU A 174 9.45 22.88 9.21
C LEU A 174 9.71 23.76 10.43
N HIS A 175 10.80 24.53 10.42
CA HIS A 175 11.18 25.30 11.60
C HIS A 175 10.21 26.42 11.93
N GLN A 176 9.28 26.74 11.03
CA GLN A 176 8.31 27.80 11.24
C GLN A 176 7.01 27.29 11.85
N SER A 177 6.98 26.07 12.38
CA SER A 177 5.80 25.51 12.99
C SER A 177 6.15 24.94 14.36
N HIS A 178 5.26 25.16 15.33
CA HIS A 178 5.45 24.69 16.69
C HIS A 178 4.85 23.31 16.94
N GLY A 179 4.22 22.72 15.94
CA GLY A 179 3.59 21.43 16.09
C GLY A 179 2.41 21.32 15.14
N ILE A 180 1.46 20.46 15.52
CA ILE A 180 0.26 20.25 14.70
C ILE A 180 -0.77 21.36 14.90
N ASP A 181 -0.56 22.24 15.87
CA ASP A 181 -1.46 23.37 16.10
C ASP A 181 -0.99 24.65 15.43
N ASP A 182 0.13 24.61 14.71
CA ASP A 182 0.73 25.78 14.07
C ASP A 182 1.02 25.50 12.60
N LEU A 183 0.01 24.99 11.90
CA LEU A 183 0.21 24.59 10.50
C LEU A 183 0.62 25.78 9.64
N GLY A 184 -0.15 26.86 9.69
CA GLY A 184 0.14 28.03 8.88
C GLY A 184 -0.37 27.89 7.46
N PRO A 185 -0.19 28.94 6.65
CA PRO A 185 -0.71 28.91 5.28
C PRO A 185 0.08 27.91 4.44
N PRO A 186 -0.54 27.35 3.40
CA PRO A 186 0.19 26.42 2.53
C PRO A 186 1.25 27.12 1.70
N ARG A 187 2.25 26.35 1.29
CA ARG A 187 3.33 26.86 0.45
C ARG A 187 2.95 26.70 -1.02
N TRP A 188 3.22 27.73 -1.82
CA TRP A 188 2.74 27.75 -3.19
C TRP A 188 3.53 26.82 -4.11
N GLN A 189 4.82 26.60 -3.82
CA GLN A 189 5.60 25.69 -4.67
C GLN A 189 5.13 24.24 -4.50
N LEU A 190 4.96 23.79 -3.26
CA LEU A 190 4.44 22.46 -3.02
C LEU A 190 3.02 22.32 -3.55
N THR A 191 2.22 23.39 -3.45
CA THR A 191 0.87 23.36 -4.00
C THR A 191 0.89 23.22 -5.52
N ALA A 192 1.82 23.90 -6.19
CA ALA A 192 1.94 23.75 -7.64
C ALA A 192 2.36 22.33 -8.01
N CYS A 193 3.30 21.76 -7.28
CA CYS A 193 3.69 20.38 -7.54
C CYS A 193 2.52 19.42 -7.33
N LEU A 194 1.73 19.67 -6.27
CA LEU A 194 0.56 18.83 -6.00
C LEU A 194 -0.47 18.93 -7.11
N VAL A 195 -0.73 20.16 -7.60
CA VAL A 195 -1.71 20.30 -8.67
C VAL A 195 -1.22 19.66 -9.95
N LEU A 196 0.09 19.69 -10.21
CA LEU A 196 0.63 18.97 -11.35
C LEU A 196 0.42 17.47 -11.21
N VAL A 197 0.67 16.93 -10.02
CA VAL A 197 0.46 15.51 -9.77
C VAL A 197 -0.99 15.13 -9.99
N TYR A 198 -1.92 15.96 -9.49
CA TYR A 198 -3.34 15.63 -9.62
C TYR A 198 -3.82 15.78 -11.05
N VAL A 199 -3.27 16.72 -11.82
CA VAL A 199 -3.59 16.80 -13.24
C VAL A 199 -3.14 15.53 -13.95
N LEU A 200 -1.93 15.06 -13.64
CA LEU A 200 -1.46 13.80 -14.22
C LEU A 200 -2.41 12.66 -13.86
N LEU A 201 -2.81 12.58 -12.59
CA LEU A 201 -3.68 11.49 -12.15
C LEU A 201 -5.02 11.53 -12.87
N TYR A 202 -5.64 12.70 -12.94
CA TYR A 202 -6.94 12.81 -13.59
C TYR A 202 -6.85 12.45 -15.06
N PHE A 203 -5.87 12.99 -15.78
CA PHE A 203 -5.77 12.69 -17.20
C PHE A 203 -5.28 11.28 -17.46
N SER A 204 -4.78 10.58 -16.44
CA SER A 204 -4.48 9.16 -16.58
C SER A 204 -5.64 8.26 -16.15
N LEU A 205 -6.66 8.80 -15.48
CA LEU A 205 -7.76 7.97 -15.01
C LEU A 205 -9.11 8.28 -15.61
N TRP A 206 -9.24 9.32 -16.43
CA TRP A 206 -10.57 9.79 -16.82
C TRP A 206 -11.25 8.89 -17.84
N LYS A 207 -10.51 8.37 -18.80
CA LYS A 207 -11.12 7.61 -19.90
C LYS A 207 -11.18 6.12 -19.60
N GLY A 208 -11.74 5.77 -18.44
CA GLY A 208 -11.93 4.38 -18.12
C GLY A 208 -10.63 3.63 -17.96
N VAL A 209 -10.61 2.38 -18.41
CA VAL A 209 -9.44 1.52 -18.30
C VAL A 209 -8.70 1.38 -19.62
N LYS A 210 -9.23 1.91 -20.72
CA LYS A 210 -8.54 1.84 -22.00
C LYS A 210 -7.23 2.62 -21.96
N THR A 211 -7.22 3.79 -21.32
CA THR A 211 -6.03 4.61 -21.21
C THR A 211 -5.30 4.44 -19.89
N SER A 212 -5.95 3.90 -18.86
CA SER A 212 -5.28 3.64 -17.59
C SER A 212 -4.45 2.38 -17.61
N GLY A 213 -4.64 1.50 -18.60
CA GLY A 213 -3.85 0.30 -18.71
C GLY A 213 -2.71 0.46 -19.70
N LYS A 214 -2.71 1.56 -20.44
CA LYS A 214 -1.65 1.86 -21.39
C LYS A 214 -0.62 2.83 -20.84
N VAL A 215 -1.01 3.71 -19.91
CA VAL A 215 -0.04 4.57 -19.26
C VAL A 215 0.85 3.76 -18.33
N VAL A 216 0.34 2.64 -17.80
CA VAL A 216 1.12 1.82 -16.88
C VAL A 216 2.34 1.21 -17.56
N TRP A 217 2.33 1.10 -18.90
CA TRP A 217 3.44 0.49 -19.61
C TRP A 217 4.76 1.19 -19.35
N ILE A 218 4.73 2.49 -19.03
CA ILE A 218 5.96 3.24 -18.85
C ILE A 218 6.23 3.44 -17.36
N THR A 219 5.17 3.58 -16.56
CA THR A 219 5.34 3.80 -15.13
C THR A 219 5.58 2.51 -14.35
N ALA A 220 5.51 1.35 -14.98
CA ALA A 220 5.77 0.08 -14.33
C ALA A 220 7.00 -0.62 -14.89
N THR A 221 7.77 0.05 -15.75
CA THR A 221 8.97 -0.54 -16.34
C THR A 221 10.20 0.34 -16.22
N MET A 222 10.05 1.62 -15.91
CA MET A 222 11.17 2.54 -15.73
C MET A 222 11.88 2.35 -14.39
N PRO A 223 11.16 2.11 -13.28
CA PRO A 223 11.88 1.86 -12.01
C PRO A 223 12.86 0.70 -12.09
N TYR A 224 12.54 -0.36 -12.85
CA TYR A 224 13.48 -1.47 -12.97
C TYR A 224 14.75 -1.03 -13.69
N VAL A 225 14.62 -0.22 -14.75
CA VAL A 225 15.79 0.26 -15.47
C VAL A 225 16.65 1.13 -14.56
N VAL A 226 16.01 2.04 -13.82
CA VAL A 226 16.76 2.92 -12.94
C VAL A 226 17.42 2.13 -11.82
N LEU A 227 16.74 1.12 -11.28
CA LEU A 227 17.32 0.28 -10.25
C LEU A 227 18.50 -0.51 -10.78
N THR A 228 18.42 -1.01 -12.02
CA THR A 228 19.56 -1.68 -12.61
C THR A 228 20.75 -0.74 -12.78
N ALA A 229 20.49 0.49 -13.22
CA ALA A 229 21.57 1.46 -13.36
C ALA A 229 22.20 1.78 -12.01
N LEU A 230 21.39 1.94 -10.97
CA LEU A 230 21.91 2.24 -9.64
C LEU A 230 22.68 1.06 -9.07
N LEU A 231 22.22 -0.16 -9.32
CA LEU A 231 22.96 -1.34 -8.90
C LEU A 231 24.31 -1.41 -9.58
N LEU A 232 24.35 -1.09 -10.88
CA LEU A 232 25.64 -1.06 -11.58
C LEU A 232 26.56 0.00 -10.99
N ARG A 233 26.00 1.17 -10.65
CA ARG A 233 26.81 2.23 -10.06
C ARG A 233 27.15 1.95 -8.60
N GLY A 234 26.18 1.43 -7.85
CA GLY A 234 26.36 1.32 -6.41
C GLY A 234 27.40 0.29 -6.00
N VAL A 235 27.47 -0.82 -6.73
CA VAL A 235 28.33 -1.93 -6.31
C VAL A 235 29.80 -1.51 -6.31
N THR A 236 30.22 -0.75 -7.32
CA THR A 236 31.62 -0.38 -7.46
C THR A 236 32.09 0.55 -6.34
N LEU A 237 31.18 1.17 -5.60
CA LEU A 237 31.56 2.10 -4.55
C LEU A 237 32.31 1.37 -3.43
N PRO A 238 33.29 2.02 -2.81
CA PRO A 238 33.95 1.42 -1.65
C PRO A 238 32.98 1.24 -0.49
N GLY A 239 33.12 0.12 0.22
CA GLY A 239 32.26 -0.17 1.34
C GLY A 239 30.88 -0.69 1.01
N ALA A 240 30.59 -0.94 -0.28
CA ALA A 240 29.29 -1.48 -0.64
C ALA A 240 29.18 -2.97 -0.34
N ILE A 241 30.29 -3.71 -0.49
CA ILE A 241 30.27 -5.14 -0.18
C ILE A 241 30.03 -5.36 1.30
N ASP A 242 30.54 -4.49 2.16
CA ASP A 242 30.23 -4.58 3.58
C ASP A 242 28.75 -4.38 3.84
N GLY A 243 28.13 -3.43 3.14
CA GLY A 243 26.69 -3.23 3.27
C GLY A 243 25.90 -4.45 2.83
N ILE A 244 26.30 -5.06 1.70
CA ILE A 244 25.60 -6.25 1.23
C ILE A 244 25.78 -7.40 2.21
N ARG A 245 26.98 -7.56 2.76
CA ARG A 245 27.22 -8.61 3.74
C ARG A 245 26.37 -8.41 4.99
N ALA A 246 26.25 -7.16 5.44
CA ALA A 246 25.38 -6.87 6.58
C ALA A 246 23.93 -7.16 6.25
N TYR A 247 23.52 -6.87 5.00
CA TYR A 247 22.14 -7.13 4.59
C TYR A 247 21.83 -8.62 4.60
N LEU A 248 22.71 -9.44 4.02
CA LEU A 248 22.48 -10.88 3.91
C LEU A 248 23.53 -11.60 4.74
N SER A 249 23.25 -11.77 6.03
CA SER A 249 24.09 -12.55 6.93
C SER A 249 23.21 -13.51 7.70
N VAL A 250 23.56 -14.80 7.66
CA VAL A 250 22.72 -15.82 8.26
C VAL A 250 22.97 -15.87 9.76
N ASP A 251 21.89 -15.90 10.52
CA ASP A 251 21.95 -16.06 11.98
C ASP A 251 20.68 -16.78 12.40
N PHE A 252 20.77 -18.12 12.52
CA PHE A 252 19.60 -18.92 12.84
C PHE A 252 19.22 -18.88 14.31
N TYR A 253 20.08 -18.37 15.18
CA TYR A 253 19.70 -18.16 16.57
C TYR A 253 18.67 -17.06 16.71
N ARG A 254 18.54 -16.19 15.71
CA ARG A 254 17.56 -15.11 15.74
C ARG A 254 16.13 -15.59 15.62
N LEU A 255 15.91 -16.84 15.21
CA LEU A 255 14.57 -17.37 15.05
C LEU A 255 13.93 -17.79 16.37
N CYS A 256 14.68 -17.75 17.47
CA CYS A 256 14.16 -18.13 18.78
C CYS A 256 13.45 -16.98 19.49
N GLU A 257 13.46 -15.78 18.91
CA GLU A 257 12.79 -14.64 19.49
C GLU A 257 11.37 -14.52 18.91
N ALA A 258 10.46 -14.04 19.74
CA ALA A 258 9.05 -13.93 19.34
C ALA A 258 8.75 -12.68 18.54
N SER A 259 9.72 -11.80 18.34
CA SER A 259 9.50 -10.58 17.56
C SER A 259 9.74 -10.78 16.07
N VAL A 260 10.63 -11.71 15.70
CA VAL A 260 10.90 -11.96 14.29
C VAL A 260 9.66 -12.48 13.58
N TRP A 261 8.96 -13.42 14.21
CA TRP A 261 7.74 -13.97 13.60
C TRP A 261 6.66 -12.91 13.48
N ILE A 262 6.52 -12.06 14.51
CA ILE A 262 5.53 -10.98 14.44
C ILE A 262 5.84 -10.03 13.31
N ASP A 263 7.11 -9.65 13.17
CA ASP A 263 7.51 -8.76 12.08
C ASP A 263 7.26 -9.39 10.72
N ALA A 264 7.58 -10.67 10.58
CA ALA A 264 7.36 -11.35 9.31
C ALA A 264 5.88 -11.42 8.97
N ALA A 265 5.02 -11.75 9.95
CA ALA A 265 3.59 -11.81 9.70
C ALA A 265 3.04 -10.43 9.32
N THR A 266 3.45 -9.39 10.03
CA THR A 266 2.97 -8.04 9.72
C THR A 266 3.43 -7.63 8.32
N GLN A 267 4.68 -7.90 7.97
CA GLN A 267 5.18 -7.55 6.64
C GLN A 267 4.45 -8.31 5.55
N VAL A 268 4.19 -9.60 5.75
CA VAL A 268 3.46 -10.37 4.75
C VAL A 268 2.05 -9.81 4.58
N CYS A 269 1.40 -9.45 5.69
CA CYS A 269 0.06 -8.89 5.60
C CYS A 269 0.05 -7.55 4.87
N PHE A 270 1.03 -6.70 5.14
CA PHE A 270 0.99 -5.32 4.67
C PHE A 270 1.66 -5.12 3.30
N SER A 271 2.42 -6.08 2.81
CA SER A 271 3.08 -5.91 1.52
C SER A 271 2.31 -6.52 0.36
N LEU A 272 1.24 -7.27 0.63
CA LEU A 272 0.53 -7.96 -0.45
C LEU A 272 -0.23 -6.98 -1.33
N GLY A 273 -0.87 -5.99 -0.73
CA GLY A 273 -1.76 -5.10 -1.45
C GLY A 273 -3.23 -5.42 -1.28
N VAL A 274 -3.58 -6.42 -0.47
CA VAL A 274 -4.98 -6.74 -0.23
C VAL A 274 -5.54 -5.82 0.85
N GLY A 275 -6.86 -5.67 0.84
CA GLY A 275 -7.54 -4.83 1.80
C GLY A 275 -7.94 -3.46 1.28
N PHE A 276 -7.39 -3.03 0.16
CA PHE A 276 -7.78 -1.76 -0.44
C PHE A 276 -8.89 -1.90 -1.48
N GLY A 277 -9.28 -3.13 -1.83
CA GLY A 277 -10.25 -3.30 -2.89
C GLY A 277 -9.73 -3.00 -4.27
N VAL A 278 -8.40 -3.02 -4.45
CA VAL A 278 -7.81 -2.71 -5.74
C VAL A 278 -7.73 -3.94 -6.63
N LEU A 279 -7.34 -5.08 -6.07
CA LEU A 279 -7.25 -6.31 -6.87
C LEU A 279 -8.62 -6.78 -7.32
N ILE A 280 -9.67 -6.51 -6.54
CA ILE A 280 -11.02 -6.84 -6.95
C ILE A 280 -11.43 -6.03 -8.17
N ALA A 281 -11.14 -4.73 -8.17
CA ALA A 281 -11.52 -3.89 -9.29
C ALA A 281 -10.66 -4.16 -10.52
N PHE A 282 -9.37 -4.41 -10.32
CA PHE A 282 -8.48 -4.67 -11.45
C PHE A 282 -8.86 -5.95 -12.18
N SER A 283 -9.18 -7.01 -11.43
CA SER A 283 -9.58 -8.26 -12.05
C SER A 283 -11.05 -8.28 -12.46
N SER A 284 -11.82 -7.27 -12.08
CA SER A 284 -13.22 -7.21 -12.48
C SER A 284 -13.36 -7.01 -13.99
N TYR A 285 -12.40 -6.36 -14.62
CA TYR A 285 -12.42 -6.12 -16.06
C TYR A 285 -11.82 -7.28 -16.85
N ASN A 286 -11.32 -8.32 -16.17
CA ASN A 286 -10.77 -9.46 -16.86
C ASN A 286 -11.87 -10.27 -17.53
N LYS A 287 -11.48 -11.03 -18.56
CA LYS A 287 -12.42 -11.90 -19.24
C LYS A 287 -12.89 -13.01 -18.31
N PHE A 288 -14.11 -13.50 -18.54
CA PHE A 288 -14.68 -14.52 -17.69
C PHE A 288 -13.96 -15.85 -17.81
N THR A 289 -13.19 -16.06 -18.87
CA THR A 289 -12.48 -17.32 -19.09
C THR A 289 -10.99 -17.21 -18.75
N ASN A 290 -10.61 -16.19 -17.97
CA ASN A 290 -9.21 -15.96 -17.66
C ASN A 290 -8.68 -17.01 -16.68
N ASN A 291 -7.36 -17.05 -16.55
CA ASN A 291 -6.67 -17.97 -15.65
C ASN A 291 -6.05 -17.13 -14.52
N CYS A 292 -6.81 -16.95 -13.44
CA CYS A 292 -6.36 -16.12 -12.34
C CYS A 292 -5.29 -16.79 -11.49
N TYR A 293 -5.22 -18.13 -11.50
CA TYR A 293 -4.21 -18.85 -10.73
C TYR A 293 -2.80 -18.47 -11.18
N ARG A 294 -2.54 -18.58 -12.48
CA ARG A 294 -1.22 -18.25 -13.03
C ARG A 294 -0.91 -16.78 -12.82
N ASP A 295 -1.90 -15.91 -12.98
CA ASP A 295 -1.69 -14.48 -12.77
C ASP A 295 -1.26 -14.20 -11.34
N ALA A 296 -1.96 -14.80 -10.37
CA ALA A 296 -1.59 -14.60 -8.97
C ALA A 296 -0.17 -15.11 -8.70
N ILE A 297 0.16 -16.28 -9.22
CA ILE A 297 1.50 -16.84 -9.00
C ILE A 297 2.57 -15.89 -9.55
N VAL A 298 2.38 -15.43 -10.80
CA VAL A 298 3.38 -14.60 -11.45
C VAL A 298 3.55 -13.27 -10.72
N THR A 299 2.42 -12.63 -10.38
CA THR A 299 2.50 -11.34 -9.72
C THR A 299 3.15 -11.45 -8.35
N THR A 300 2.79 -12.49 -7.57
CA THR A 300 3.41 -12.66 -6.26
C THR A 300 4.91 -12.89 -6.39
N SER A 301 5.33 -13.73 -7.33
CA SER A 301 6.76 -14.00 -7.50
C SER A 301 7.52 -12.73 -7.88
N ILE A 302 6.97 -11.95 -8.82
CA ILE A 302 7.68 -10.75 -9.26
C ILE A 302 7.75 -9.72 -8.13
N ASN A 303 6.65 -9.52 -7.41
CA ASN A 303 6.66 -8.57 -6.30
C ASN A 303 7.59 -9.01 -5.18
N SER A 304 7.79 -10.32 -5.02
CA SER A 304 8.71 -10.79 -4.00
C SER A 304 10.17 -10.60 -4.42
N LEU A 305 10.48 -10.84 -5.70
CA LEU A 305 11.87 -10.71 -6.15
C LEU A 305 12.31 -9.26 -6.31
N THR A 306 11.37 -8.36 -6.60
CA THR A 306 11.71 -6.95 -6.69
C THR A 306 12.27 -6.43 -5.38
N SER A 307 11.69 -6.86 -4.26
CA SER A 307 12.18 -6.44 -2.95
C SER A 307 13.61 -6.91 -2.73
N PHE A 308 13.92 -8.14 -3.13
CA PHE A 308 15.28 -8.66 -2.99
C PHE A 308 16.29 -7.81 -3.75
N SER A 309 16.03 -7.57 -5.05
CA SER A 309 16.97 -6.80 -5.84
C SER A 309 17.11 -5.37 -5.32
N SER A 310 15.98 -4.74 -4.98
CA SER A 310 16.01 -3.39 -4.45
C SER A 310 16.77 -3.32 -3.14
N GLY A 311 16.67 -4.37 -2.31
CA GLY A 311 17.44 -4.41 -1.09
C GLY A 311 18.93 -4.47 -1.35
N PHE A 312 19.34 -5.27 -2.33
CA PHE A 312 20.75 -5.28 -2.73
C PHE A 312 21.21 -3.86 -3.04
N VAL A 313 20.44 -3.14 -3.86
CA VAL A 313 20.84 -1.79 -4.26
C VAL A 313 20.93 -0.86 -3.05
N VAL A 314 19.87 -0.82 -2.24
CA VAL A 314 19.78 0.16 -1.17
C VAL A 314 20.84 -0.11 -0.11
N PHE A 315 21.13 -1.38 0.17
CA PHE A 315 22.13 -1.65 1.19
C PHE A 315 23.55 -1.49 0.68
N SER A 316 23.79 -1.65 -0.64
CA SER A 316 25.09 -1.23 -1.16
C SER A 316 25.31 0.26 -0.93
N PHE A 317 24.28 1.06 -1.23
CA PHE A 317 24.42 2.51 -1.01
C PHE A 317 24.58 2.85 0.47
N LEU A 318 23.83 2.16 1.34
CA LEU A 318 23.93 2.40 2.77
C LEU A 318 25.32 2.04 3.29
N GLY A 319 25.89 0.93 2.83
CA GLY A 319 27.24 0.59 3.23
C GLY A 319 28.26 1.61 2.77
N TYR A 320 28.11 2.12 1.55
CA TYR A 320 29.01 3.15 1.08
C TYR A 320 28.92 4.40 1.96
N MET A 321 27.70 4.82 2.30
CA MET A 321 27.55 6.02 3.13
C MET A 321 28.11 5.80 4.52
N ALA A 322 27.90 4.62 5.10
CA ALA A 322 28.43 4.33 6.43
C ALA A 322 29.95 4.34 6.42
N GLN A 323 30.57 3.79 5.37
CA GLN A 323 32.03 3.84 5.27
C GLN A 323 32.51 5.27 5.11
N LYS A 324 31.79 6.07 4.33
CA LYS A 324 32.20 7.46 4.13
C LYS A 324 32.13 8.26 5.43
N HIS A 325 31.08 8.07 6.22
CA HIS A 325 30.90 8.83 7.45
C HIS A 325 31.62 8.22 8.64
N SER A 326 32.29 7.08 8.46
CA SER A 326 33.06 6.41 9.53
C SER A 326 32.18 6.10 10.74
N VAL A 327 30.97 5.62 10.48
CA VAL A 327 30.05 5.21 11.55
C VAL A 327 29.52 3.82 11.22
N PRO A 328 29.10 3.07 12.24
CA PRO A 328 28.53 1.74 11.98
C PRO A 328 27.26 1.84 11.15
N ILE A 329 27.00 0.78 10.38
CA ILE A 329 25.84 0.76 9.49
C ILE A 329 24.53 0.83 10.26
N GLY A 330 24.55 0.47 11.54
CA GLY A 330 23.33 0.54 12.34
C GLY A 330 22.80 1.96 12.48
N ASP A 331 23.69 2.95 12.54
CA ASP A 331 23.25 4.33 12.66
C ASP A 331 22.70 4.87 11.34
N VAL A 332 23.29 4.45 10.21
CA VAL A 332 22.81 4.91 8.91
C VAL A 332 21.46 4.30 8.59
N ALA A 333 21.28 3.01 8.86
CA ALA A 333 20.05 2.30 8.52
C ALA A 333 19.00 2.58 9.59
N LYS A 334 18.09 3.50 9.29
CA LYS A 334 17.01 3.84 10.20
C LYS A 334 15.73 4.07 9.41
N ASP A 335 14.60 3.93 10.08
CA ASP A 335 13.29 4.13 9.48
C ASP A 335 12.74 5.48 9.93
N GLY A 336 12.38 6.32 8.97
CA GLY A 336 11.81 7.61 9.27
C GLY A 336 11.38 8.35 8.02
N PRO A 337 10.47 9.31 8.17
CA PRO A 337 10.05 10.12 7.01
C PRO A 337 11.08 11.16 6.65
N GLY A 338 11.48 11.19 5.38
CA GLY A 338 12.46 12.15 4.91
C GLY A 338 13.88 11.63 4.82
N LEU A 339 14.17 10.49 5.47
CA LEU A 339 15.52 9.93 5.38
C LEU A 339 15.86 9.49 3.96
N ILE A 340 14.87 9.21 3.13
CA ILE A 340 15.13 8.94 1.72
C ILE A 340 15.64 10.19 1.02
N PHE A 341 15.20 11.36 1.46
CA PHE A 341 15.60 12.64 0.88
C PHE A 341 16.85 13.22 1.54
N ILE A 342 17.49 12.48 2.45
CA ILE A 342 18.61 13.00 3.24
C ILE A 342 19.88 12.20 2.99
N ILE A 343 19.80 10.88 3.05
CA ILE A 343 20.99 10.04 2.94
C ILE A 343 21.41 9.88 1.49
N TYR A 344 20.52 9.34 0.67
CA TYR A 344 20.86 9.09 -0.74
C TYR A 344 21.19 10.34 -1.53
N PRO A 345 20.46 11.46 -1.43
CA PRO A 345 20.90 12.68 -2.11
C PRO A 345 22.29 13.13 -1.70
N GLU A 346 22.67 12.91 -0.44
CA GLU A 346 24.05 13.19 -0.03
C GLU A 346 25.02 12.22 -0.69
N ALA A 347 24.62 10.95 -0.81
CA ALA A 347 25.48 9.97 -1.46
C ALA A 347 25.63 10.26 -2.95
N ILE A 348 24.54 10.71 -3.59
CA ILE A 348 24.57 10.95 -5.03
C ILE A 348 25.51 12.10 -5.38
N ALA A 349 25.51 13.15 -4.55
CA ALA A 349 26.25 14.37 -4.88
C ALA A 349 27.75 14.14 -4.98
N THR A 350 28.28 13.11 -4.30
CA THR A 350 29.72 12.85 -4.36
C THR A 350 30.14 12.20 -5.68
N LEU A 351 29.26 11.45 -6.31
CA LEU A 351 29.61 10.76 -7.55
C LEU A 351 29.79 11.76 -8.69
N PRO A 352 30.67 11.47 -9.64
CA PRO A 352 30.77 12.32 -10.83
C PRO A 352 29.50 12.27 -11.65
N LEU A 353 29.22 13.39 -12.33
CA LEU A 353 27.97 13.57 -13.08
C LEU A 353 26.76 13.32 -12.18
N SER A 354 26.78 13.95 -11.01
CA SER A 354 25.75 13.71 -10.00
C SER A 354 24.37 14.20 -10.43
N SER A 355 24.31 15.17 -11.36
CA SER A 355 23.02 15.69 -11.79
C SER A 355 22.18 14.61 -12.46
N ALA A 356 22.79 13.84 -13.36
CA ALA A 356 22.05 12.77 -14.03
C ALA A 356 21.58 11.71 -13.05
N TRP A 357 22.43 11.35 -12.08
CA TRP A 357 22.05 10.35 -11.10
C TRP A 357 20.90 10.85 -10.23
N ALA A 358 20.94 12.12 -9.81
CA ALA A 358 19.83 12.66 -9.04
C ALA A 358 18.54 12.67 -9.86
N VAL A 359 18.65 13.05 -11.15
CA VAL A 359 17.47 13.12 -12.00
C VAL A 359 16.83 11.74 -12.13
N VAL A 360 17.65 10.71 -12.40
CA VAL A 360 17.09 9.37 -12.58
C VAL A 360 16.54 8.83 -11.25
N PHE A 361 17.20 9.16 -10.14
CA PHE A 361 16.71 8.73 -8.83
C PHE A 361 15.31 9.29 -8.56
N PHE A 362 15.13 10.59 -8.80
CA PHE A 362 13.84 11.19 -8.52
C PHE A 362 12.79 10.79 -9.56
N ILE A 363 13.21 10.49 -10.79
CA ILE A 363 12.28 9.95 -11.78
C ILE A 363 11.75 8.59 -11.33
N MET A 364 12.65 7.73 -10.84
CA MET A 364 12.22 6.43 -10.34
C MET A 364 11.27 6.59 -9.16
N LEU A 365 11.59 7.50 -8.23
CA LEU A 365 10.70 7.75 -7.10
C LEU A 365 9.31 8.20 -7.58
N LEU A 366 9.27 9.12 -8.54
CA LEU A 366 8.00 9.65 -9.03
C LEU A 366 7.17 8.55 -9.68
N THR A 367 7.80 7.70 -10.50
CA THR A 367 7.04 6.61 -11.14
C THR A 367 6.51 5.63 -10.11
N LEU A 368 7.35 5.26 -9.13
CA LEU A 368 6.92 4.32 -8.10
C LEU A 368 5.74 4.86 -7.32
N GLY A 369 5.74 6.16 -7.01
CA GLY A 369 4.59 6.75 -6.35
C GLY A 369 3.35 6.80 -7.23
N ILE A 370 3.54 7.21 -8.50
CA ILE A 370 2.38 7.53 -9.33
C ILE A 370 1.59 6.29 -9.69
N ASP A 371 2.26 5.15 -9.93
CA ASP A 371 1.50 3.96 -10.29
C ASP A 371 0.59 3.51 -9.15
N SER A 372 1.11 3.50 -7.92
CA SER A 372 0.31 3.09 -6.77
C SER A 372 -0.81 4.08 -6.50
N ALA A 373 -0.54 5.38 -6.61
CA ALA A 373 -1.60 6.37 -6.39
C ALA A 373 -2.71 6.22 -7.41
N MET A 374 -2.35 5.98 -8.67
CA MET A 374 -3.34 5.77 -9.73
C MET A 374 -4.21 4.55 -9.41
N GLY A 375 -3.58 3.45 -9.01
CA GLY A 375 -4.35 2.26 -8.66
C GLY A 375 -5.29 2.49 -7.49
N GLY A 376 -4.80 3.18 -6.46
CA GLY A 376 -5.64 3.45 -5.30
C GLY A 376 -6.84 4.30 -5.63
N MET A 377 -6.66 5.32 -6.47
CA MET A 377 -7.81 6.14 -6.86
C MET A 377 -8.76 5.36 -7.77
N GLU A 378 -8.21 4.51 -8.64
CA GLU A 378 -9.03 3.73 -9.56
C GLU A 378 -9.95 2.78 -8.79
N SER A 379 -9.46 2.19 -7.70
CA SER A 379 -10.30 1.31 -6.89
C SER A 379 -11.54 2.04 -6.41
N VAL A 380 -11.37 3.23 -5.83
CA VAL A 380 -12.50 4.00 -5.30
C VAL A 380 -13.45 4.37 -6.42
N ILE A 381 -12.90 4.85 -7.54
CA ILE A 381 -13.76 5.30 -8.64
C ILE A 381 -14.59 4.13 -9.18
N THR A 382 -13.95 2.98 -9.38
CA THR A 382 -14.66 1.82 -9.91
C THR A 382 -15.74 1.35 -8.95
N GLY A 383 -15.42 1.27 -7.65
CA GLY A 383 -16.41 0.81 -6.69
C GLY A 383 -17.61 1.72 -6.62
N LEU A 384 -17.37 3.04 -6.56
CA LEU A 384 -18.48 3.97 -6.45
C LEU A 384 -19.28 4.05 -7.74
N ILE A 385 -18.64 3.90 -8.91
CA ILE A 385 -19.38 3.85 -10.16
C ILE A 385 -20.26 2.61 -10.20
N ASP A 386 -19.74 1.46 -9.78
CA ASP A 386 -20.52 0.23 -9.81
C ASP A 386 -21.71 0.30 -8.86
N GLU A 387 -21.52 0.90 -7.68
CA GLU A 387 -22.58 0.88 -6.69
C GLU A 387 -23.83 1.63 -7.15
N PHE A 388 -23.65 2.81 -7.73
CA PHE A 388 -24.76 3.67 -8.12
C PHE A 388 -24.83 3.79 -9.64
N GLN A 389 -25.99 3.46 -10.21
CA GLN A 389 -26.14 3.47 -11.66
C GLN A 389 -26.23 4.89 -12.22
N LEU A 390 -26.62 5.87 -11.40
CA LEU A 390 -26.78 7.23 -11.90
C LEU A 390 -25.46 7.87 -12.32
N LEU A 391 -24.33 7.40 -11.79
CA LEU A 391 -23.03 7.94 -12.14
C LEU A 391 -22.36 7.21 -13.30
N HIS A 392 -22.93 6.10 -13.76
CA HIS A 392 -22.25 5.30 -14.78
C HIS A 392 -22.19 6.03 -16.13
N ARG A 393 -23.19 6.84 -16.45
CA ARG A 393 -23.19 7.55 -17.72
C ARG A 393 -22.21 8.71 -17.75
N HIS A 394 -21.75 9.18 -16.58
CA HIS A 394 -20.81 10.29 -16.48
C HIS A 394 -19.63 9.83 -15.64
N ARG A 395 -18.60 9.29 -16.29
CA ARG A 395 -17.40 8.86 -15.60
C ARG A 395 -16.36 9.97 -15.46
N GLU A 396 -16.23 10.81 -16.49
CA GLU A 396 -15.25 11.90 -16.43
C GLU A 396 -15.61 12.91 -15.34
N LEU A 397 -16.89 13.26 -15.23
CA LEU A 397 -17.30 14.21 -14.19
C LEU A 397 -17.10 13.64 -12.79
N PHE A 398 -17.42 12.36 -12.61
CA PHE A 398 -17.20 11.74 -11.30
C PHE A 398 -15.72 11.65 -10.97
N THR A 399 -14.88 11.34 -11.95
CA THR A 399 -13.44 11.33 -11.72
C THR A 399 -12.94 12.71 -11.35
N LEU A 400 -13.45 13.75 -12.02
CA LEU A 400 -13.06 15.11 -11.68
C LEU A 400 -13.47 15.46 -10.25
N PHE A 401 -14.68 15.05 -9.85
CA PHE A 401 -15.14 15.33 -8.49
C PHE A 401 -14.28 14.63 -7.46
N ILE A 402 -13.94 13.35 -7.70
CA ILE A 402 -13.11 12.61 -6.75
C ILE A 402 -11.73 13.24 -6.66
N VAL A 403 -11.15 13.61 -7.79
CA VAL A 403 -9.82 14.23 -7.79
C VAL A 403 -9.85 15.56 -7.06
N LEU A 404 -10.89 16.36 -7.29
CA LEU A 404 -11.00 17.65 -6.62
C LEU A 404 -11.15 17.48 -5.11
N ALA A 405 -11.97 16.53 -4.67
CA ALA A 405 -12.13 16.29 -3.25
C ALA A 405 -10.82 15.85 -2.61
N THR A 406 -10.12 14.91 -3.25
CA THR A 406 -8.86 14.44 -2.70
C THR A 406 -7.81 15.54 -2.66
N PHE A 407 -7.76 16.37 -3.71
CA PHE A 407 -6.81 17.48 -3.73
C PHE A 407 -7.12 18.50 -2.65
N LEU A 408 -8.40 18.82 -2.45
CA LEU A 408 -8.77 19.77 -1.40
C LEU A 408 -8.44 19.23 -0.02
N LEU A 409 -8.69 17.94 0.22
CA LEU A 409 -8.42 17.38 1.53
C LEU A 409 -6.96 17.02 1.74
N SER A 410 -6.13 17.11 0.71
CA SER A 410 -4.70 16.85 0.83
C SER A 410 -3.87 18.14 0.95
N LEU A 411 -4.52 19.30 1.02
CA LEU A 411 -3.81 20.57 1.13
C LEU A 411 -3.25 20.80 2.52
N PHE A 412 -3.62 19.98 3.51
CA PHE A 412 -3.10 20.17 4.87
C PHE A 412 -1.65 19.71 5.00
N CYS A 413 -1.25 18.68 4.24
CA CYS A 413 0.13 18.20 4.28
C CYS A 413 1.10 19.15 3.59
N VAL A 414 0.60 20.18 2.91
CA VAL A 414 1.45 21.14 2.24
C VAL A 414 1.90 22.27 3.15
N THR A 415 1.16 22.54 4.23
CA THR A 415 1.46 23.66 5.12
C THR A 415 2.80 23.43 5.83
N ASN A 416 3.18 24.41 6.65
CA ASN A 416 4.47 24.36 7.32
C ASN A 416 4.58 23.15 8.25
N GLY A 417 3.53 22.88 9.01
CA GLY A 417 3.53 21.71 9.88
C GLY A 417 2.91 20.50 9.22
N GLY A 418 3.12 20.37 7.90
CA GLY A 418 2.51 19.28 7.16
C GLY A 418 3.11 17.92 7.45
N ILE A 419 4.35 17.86 7.93
CA ILE A 419 4.96 16.57 8.22
C ILE A 419 4.28 15.90 9.40
N TYR A 420 3.77 16.69 10.36
CA TYR A 420 3.05 16.10 11.48
C TYR A 420 1.74 15.48 11.04
N VAL A 421 0.98 16.17 10.19
CA VAL A 421 -0.26 15.62 9.65
C VAL A 421 0.03 14.38 8.82
N PHE A 422 1.11 14.43 8.03
CA PHE A 422 1.50 13.27 7.22
C PHE A 422 1.82 12.08 8.12
N THR A 423 2.56 12.30 9.20
CA THR A 423 2.90 11.22 10.13
C THR A 423 1.65 10.63 10.77
N LEU A 424 0.74 11.50 11.23
CA LEU A 424 -0.47 11.01 11.88
C LEU A 424 -1.32 10.19 10.92
N LEU A 425 -1.49 10.69 9.70
CA LEU A 425 -2.30 9.98 8.71
C LEU A 425 -1.64 8.66 8.31
N ASP A 426 -0.31 8.66 8.13
CA ASP A 426 0.38 7.43 7.79
C ASP A 426 0.29 6.40 8.90
N HIS A 427 0.25 6.86 10.17
CA HIS A 427 0.15 5.93 11.27
C HIS A 427 -1.25 5.35 11.41
N PHE A 428 -2.28 6.17 11.22
CA PHE A 428 -3.63 5.76 11.59
C PHE A 428 -4.53 5.36 10.41
N ALA A 429 -4.14 5.67 9.18
CA ALA A 429 -5.05 5.50 8.04
C ALA A 429 -5.28 4.02 7.73
N ALA A 430 -4.22 3.24 7.62
CA ALA A 430 -4.32 1.84 7.22
C ALA A 430 -4.38 0.91 8.43
N GLY A 431 -3.35 0.98 9.29
CA GLY A 431 -3.31 0.36 10.59
C GLY A 431 -3.96 -1.00 10.73
N THR A 432 -4.75 -1.16 11.78
CA THR A 432 -5.52 -2.38 11.99
C THR A 432 -6.77 -2.44 11.14
N SER A 433 -7.16 -1.33 10.51
CA SER A 433 -8.35 -1.32 9.67
C SER A 433 -8.18 -2.24 8.46
N ILE A 434 -6.99 -2.22 7.85
CA ILE A 434 -6.73 -3.10 6.72
C ILE A 434 -6.89 -4.56 7.12
N LEU A 435 -6.27 -4.94 8.24
CA LEU A 435 -6.31 -6.33 8.67
C LEU A 435 -7.71 -6.74 9.07
N PHE A 436 -8.46 -5.85 9.72
CA PHE A 436 -9.84 -6.15 10.09
C PHE A 436 -10.70 -6.37 8.85
N GLY A 437 -10.56 -5.50 7.85
CA GLY A 437 -11.32 -5.68 6.63
C GLY A 437 -10.97 -6.96 5.90
N VAL A 438 -9.68 -7.28 5.81
CA VAL A 438 -9.26 -8.51 5.15
C VAL A 438 -9.80 -9.73 5.89
N LEU A 439 -9.71 -9.72 7.23
CA LEU A 439 -10.22 -10.84 8.00
C LEU A 439 -11.72 -11.01 7.82
N ILE A 440 -12.47 -9.91 7.84
CA ILE A 440 -13.92 -10.00 7.69
C ILE A 440 -14.29 -10.52 6.31
N GLU A 441 -13.64 -10.01 5.25
CA GLU A 441 -13.97 -10.48 3.92
C GLU A 441 -13.57 -11.94 3.72
N ALA A 442 -12.44 -12.35 4.31
CA ALA A 442 -12.00 -13.74 4.18
C ALA A 442 -12.95 -14.69 4.90
N ILE A 443 -13.34 -14.35 6.14
CA ILE A 443 -14.25 -15.23 6.87
C ILE A 443 -15.61 -15.26 6.18
N GLY A 444 -16.06 -14.12 5.65
CA GLY A 444 -17.32 -14.12 4.91
C GLY A 444 -17.29 -15.05 3.72
N VAL A 445 -16.29 -14.88 2.86
CA VAL A 445 -16.21 -15.69 1.64
C VAL A 445 -16.05 -17.17 1.98
N ALA A 446 -15.22 -17.48 2.98
CA ALA A 446 -14.91 -18.88 3.27
C ALA A 446 -15.95 -19.58 4.12
N TRP A 447 -16.83 -18.85 4.79
CA TRP A 447 -17.82 -19.51 5.65
C TRP A 447 -19.25 -19.25 5.22
N PHE A 448 -19.65 -17.98 5.04
CA PHE A 448 -21.05 -17.69 4.74
C PHE A 448 -21.40 -18.14 3.32
N TYR A 449 -20.57 -17.78 2.35
CA TYR A 449 -20.79 -18.23 0.98
C TYR A 449 -20.54 -19.72 0.83
N GLY A 450 -19.41 -20.19 1.37
CA GLY A 450 -19.04 -21.59 1.27
C GLY A 450 -17.81 -21.81 0.44
N VAL A 451 -16.80 -22.48 1.01
CA VAL A 451 -15.58 -22.75 0.26
C VAL A 451 -15.86 -23.74 -0.87
N GLY A 452 -16.82 -24.65 -0.68
CA GLY A 452 -17.20 -25.53 -1.77
C GLY A 452 -17.81 -24.78 -2.94
N GLN A 453 -18.71 -23.84 -2.64
CA GLN A 453 -19.29 -23.02 -3.69
C GLN A 453 -18.24 -22.15 -4.37
N PHE A 454 -17.29 -21.61 -3.60
CA PHE A 454 -16.21 -20.83 -4.18
C PHE A 454 -15.36 -21.67 -5.12
N SER A 455 -15.05 -22.90 -4.71
CA SER A 455 -14.27 -23.79 -5.58
C SER A 455 -15.06 -24.16 -6.83
N ASP A 456 -16.37 -24.38 -6.70
CA ASP A 456 -17.18 -24.67 -7.88
C ASP A 456 -17.20 -23.49 -8.85
N ASP A 457 -17.32 -22.27 -8.32
CA ASP A 457 -17.30 -21.09 -9.17
C ASP A 457 -15.95 -20.93 -9.86
N ILE A 458 -14.86 -21.19 -9.14
CA ILE A 458 -13.53 -21.10 -9.74
C ILE A 458 -13.36 -22.15 -10.84
N GLN A 459 -13.88 -23.36 -10.61
CA GLN A 459 -13.81 -24.40 -11.63
C GLN A 459 -14.61 -24.01 -12.87
N GLN A 460 -15.80 -23.43 -12.67
CA GLN A 460 -16.59 -22.98 -13.80
C GLN A 460 -15.89 -21.85 -14.55
N MET A 461 -15.20 -20.97 -13.82
CA MET A 461 -14.54 -19.83 -14.45
C MET A 461 -13.30 -20.25 -15.24
N THR A 462 -12.49 -21.15 -14.67
CA THR A 462 -11.20 -21.50 -15.26
C THR A 462 -11.22 -22.86 -15.94
N GLY A 463 -11.61 -23.91 -15.23
CA GLY A 463 -11.66 -25.24 -15.80
C GLY A 463 -11.13 -26.32 -14.88
N GLN A 464 -10.22 -25.96 -13.98
CA GLN A 464 -9.62 -26.91 -13.05
C GLN A 464 -9.96 -26.47 -11.62
N ARG A 465 -10.52 -27.39 -10.85
CA ARG A 465 -10.94 -27.10 -9.48
C ARG A 465 -9.71 -27.01 -8.56
N PRO A 466 -9.69 -26.05 -7.63
CA PRO A 466 -8.58 -25.98 -6.68
C PRO A 466 -8.53 -27.20 -5.78
N SER A 467 -7.32 -27.56 -5.37
CA SER A 467 -7.09 -28.79 -4.61
C SER A 467 -7.46 -28.58 -3.15
N LEU A 468 -7.15 -29.57 -2.32
CA LEU A 468 -7.51 -29.52 -0.90
C LEU A 468 -6.68 -28.50 -0.14
N TYR A 469 -5.44 -28.26 -0.59
CA TYR A 469 -4.58 -27.30 0.11
C TYR A 469 -5.17 -25.90 0.06
N TRP A 470 -5.66 -25.47 -1.10
CA TRP A 470 -6.25 -24.15 -1.23
C TRP A 470 -7.50 -24.01 -0.36
N ARG A 471 -8.35 -25.03 -0.36
CA ARG A 471 -9.56 -24.98 0.45
C ARG A 471 -9.24 -24.93 1.94
N LEU A 472 -8.29 -25.74 2.38
CA LEU A 472 -7.91 -25.73 3.80
C LEU A 472 -7.33 -24.38 4.20
N CYS A 473 -6.46 -23.80 3.35
CA CYS A 473 -5.89 -22.50 3.67
C CYS A 473 -6.95 -21.41 3.68
N TRP A 474 -7.92 -21.46 2.75
CA TRP A 474 -8.97 -20.46 2.74
C TRP A 474 -9.86 -20.57 3.98
N LYS A 475 -10.18 -21.81 4.40
CA LYS A 475 -11.18 -21.98 5.44
C LYS A 475 -10.58 -21.82 6.84
N LEU A 476 -9.51 -22.56 7.15
CA LEU A 476 -9.05 -22.67 8.52
C LEU A 476 -7.87 -21.75 8.85
N VAL A 477 -6.77 -21.88 8.12
CA VAL A 477 -5.53 -21.26 8.55
C VAL A 477 -5.58 -19.74 8.39
N SER A 478 -6.12 -19.26 7.27
CA SER A 478 -6.08 -17.83 6.99
C SER A 478 -6.86 -16.99 8.00
N PRO A 479 -8.11 -17.32 8.37
CA PRO A 479 -8.78 -16.52 9.41
C PRO A 479 -8.03 -16.50 10.73
N CYS A 480 -7.47 -17.64 11.15
CA CYS A 480 -6.73 -17.67 12.41
C CYS A 480 -5.48 -16.80 12.34
N PHE A 481 -4.75 -16.88 11.23
CA PHE A 481 -3.56 -16.04 11.07
C PHE A 481 -3.93 -14.56 11.08
N LEU A 482 -5.00 -14.20 10.38
CA LEU A 482 -5.41 -12.80 10.34
C LEU A 482 -5.88 -12.31 11.71
N LEU A 483 -6.59 -13.16 12.47
CA LEU A 483 -7.01 -12.77 13.81
C LEU A 483 -5.81 -12.57 14.72
N PHE A 484 -4.83 -13.46 14.64
CA PHE A 484 -3.62 -13.29 15.43
C PHE A 484 -2.90 -11.99 15.08
N VAL A 485 -2.81 -11.69 13.78
CA VAL A 485 -2.16 -10.45 13.36
C VAL A 485 -2.92 -9.24 13.89
N VAL A 486 -4.25 -9.27 13.81
CA VAL A 486 -5.06 -8.15 14.29
C VAL A 486 -4.83 -7.93 15.78
N VAL A 487 -4.87 -9.02 16.56
CA VAL A 487 -4.71 -8.89 18.01
C VAL A 487 -3.33 -8.37 18.35
N VAL A 488 -2.28 -8.91 17.70
CA VAL A 488 -0.93 -8.49 18.03
C VAL A 488 -0.69 -7.05 17.57
N SER A 489 -1.39 -6.58 16.54
CA SER A 489 -1.24 -5.20 16.11
C SER A 489 -1.98 -4.24 17.02
N ILE A 490 -3.12 -4.66 17.59
CA ILE A 490 -3.86 -3.80 18.51
C ILE A 490 -3.32 -3.85 19.92
N VAL A 491 -2.48 -4.83 20.25
CA VAL A 491 -1.94 -4.94 21.60
C VAL A 491 -0.67 -4.12 21.76
N THR A 492 0.23 -4.14 20.76
CA THR A 492 1.50 -3.45 20.83
C THR A 492 1.46 -2.08 20.14
N PHE A 493 0.32 -1.41 20.19
CA PHE A 493 0.20 -0.09 19.58
C PHE A 493 1.08 0.93 20.29
N ARG A 494 1.73 1.78 19.52
CA ARG A 494 2.57 2.84 20.05
C ARG A 494 2.18 4.17 19.43
N PRO A 495 2.12 5.25 20.22
CA PRO A 495 1.72 6.53 19.69
C PRO A 495 2.73 7.03 18.67
N PRO A 496 2.28 7.79 17.67
CA PRO A 496 3.19 8.30 16.65
C PRO A 496 4.09 9.39 17.19
N HIS A 497 5.20 9.60 16.51
CA HIS A 497 6.15 10.65 16.88
C HIS A 497 6.98 11.03 15.66
N TYR A 498 7.58 12.22 15.74
CA TYR A 498 8.51 12.68 14.71
C TYR A 498 9.69 13.32 15.43
N GLY A 499 10.80 12.59 15.54
CA GLY A 499 11.93 13.06 16.30
C GLY A 499 11.63 13.19 17.77
N ALA A 500 11.81 14.38 18.33
CA ALA A 500 11.53 14.67 19.73
C ALA A 500 10.19 15.38 19.92
N TYR A 501 9.20 15.06 19.08
CA TYR A 501 7.89 15.69 19.15
C TYR A 501 6.87 14.68 19.66
N ILE A 502 6.11 15.09 20.67
CA ILE A 502 5.08 14.25 21.28
C ILE A 502 3.73 14.81 20.86
N PHE A 503 2.93 13.97 20.20
CA PHE A 503 1.65 14.43 19.69
C PHE A 503 0.68 14.72 20.83
N PRO A 504 -0.23 15.68 20.65
CA PRO A 504 -1.23 15.94 21.67
C PRO A 504 -2.21 14.78 21.78
N ASP A 505 -2.86 14.70 22.95
CA ASP A 505 -3.80 13.61 23.20
C ASP A 505 -4.98 13.67 22.24
N TRP A 506 -5.45 14.87 21.90
CA TRP A 506 -6.56 14.97 20.97
C TRP A 506 -6.17 14.51 19.57
N ALA A 507 -4.90 14.64 19.20
CA ALA A 507 -4.44 14.10 17.92
C ALA A 507 -4.55 12.58 17.91
N ASN A 508 -4.15 11.92 18.99
CA ASN A 508 -4.31 10.48 19.09
C ASN A 508 -5.79 10.09 19.07
N ALA A 509 -6.62 10.87 19.76
CA ALA A 509 -8.06 10.58 19.74
C ALA A 509 -8.62 10.69 18.33
N LEU A 510 -8.21 11.71 17.58
CA LEU A 510 -8.68 11.86 16.20
C LEU A 510 -8.18 10.72 15.32
N GLY A 511 -6.93 10.30 15.50
CA GLY A 511 -6.43 9.17 14.75
C GLY A 511 -7.22 7.90 15.01
N TRP A 512 -7.50 7.62 16.28
CA TRP A 512 -8.32 6.46 16.61
C TRP A 512 -9.74 6.61 16.06
N VAL A 513 -10.27 7.83 16.06
CA VAL A 513 -11.61 8.05 15.52
C VAL A 513 -11.66 7.71 14.05
N ILE A 514 -10.69 8.17 13.27
CA ILE A 514 -10.71 7.87 11.84
C ILE A 514 -10.46 6.39 11.60
N ALA A 515 -9.57 5.77 12.39
CA ALA A 515 -9.29 4.35 12.22
C ALA A 515 -10.54 3.51 12.50
N THR A 516 -11.29 3.86 13.55
CA THR A 516 -12.51 3.13 13.86
C THR A 516 -13.61 3.44 12.85
N SER A 517 -13.70 4.69 12.38
CA SER A 517 -14.72 5.05 11.41
C SER A 517 -14.55 4.28 10.12
N SER A 518 -13.30 4.05 9.70
CA SER A 518 -13.08 3.20 8.54
C SER A 518 -13.52 1.77 8.80
N MET A 519 -13.59 1.33 10.05
CA MET A 519 -13.96 -0.04 10.39
C MET A 519 -15.40 -0.19 10.84
N ALA A 520 -16.03 0.88 11.32
CA ALA A 520 -17.35 0.80 11.92
C ALA A 520 -18.47 0.81 10.88
N MET A 521 -18.17 0.52 9.62
CA MET A 521 -19.20 0.47 8.60
C MET A 521 -19.84 -0.89 8.45
N VAL A 522 -19.14 -1.96 8.85
CA VAL A 522 -19.75 -3.29 8.81
C VAL A 522 -20.94 -3.41 9.74
N PRO A 523 -20.86 -3.06 11.04
CA PRO A 523 -22.06 -3.13 11.87
C PRO A 523 -23.16 -2.19 11.42
N ILE A 524 -22.81 -1.00 10.92
CA ILE A 524 -23.82 -0.04 10.50
C ILE A 524 -24.64 -0.60 9.34
N TYR A 525 -23.97 -1.09 8.30
CA TYR A 525 -24.69 -1.66 7.18
C TYR A 525 -25.41 -2.95 7.57
N ALA A 526 -24.82 -3.75 8.46
CA ALA A 526 -25.50 -4.96 8.92
C ALA A 526 -26.83 -4.62 9.57
N ALA A 527 -26.83 -3.63 10.47
CA ALA A 527 -28.06 -3.22 11.14
C ALA A 527 -29.06 -2.63 10.14
N TYR A 528 -28.58 -1.80 9.22
CA TYR A 528 -29.49 -1.19 8.25
C TYR A 528 -30.13 -2.25 7.36
N LYS A 529 -29.34 -3.20 6.87
CA LYS A 529 -29.88 -4.25 6.02
C LYS A 529 -30.85 -5.14 6.78
N PHE A 530 -30.52 -5.48 8.03
CA PHE A 530 -31.42 -6.33 8.81
C PHE A 530 -32.74 -5.63 9.09
N CYS A 531 -32.70 -4.32 9.38
CA CYS A 531 -33.93 -3.60 9.65
C CYS A 531 -34.73 -3.32 8.38
N SER A 532 -34.04 -3.26 7.23
CA SER A 532 -34.73 -2.93 5.98
C SER A 532 -35.54 -4.10 5.44
N LEU A 533 -35.03 -5.32 5.60
CA LEU A 533 -35.67 -6.48 4.98
C LEU A 533 -37.03 -6.74 5.63
N PRO A 534 -38.03 -7.18 4.86
CA PRO A 534 -39.36 -7.45 5.42
C PRO A 534 -39.53 -8.90 5.83
N GLY A 535 -40.34 -9.09 6.88
CA GLY A 535 -40.67 -10.40 7.39
C GLY A 535 -40.36 -10.50 8.86
N SER A 536 -40.32 -11.73 9.36
CA SER A 536 -40.00 -12.00 10.75
C SER A 536 -38.49 -12.11 10.92
N PHE A 537 -38.04 -12.54 12.09
CA PHE A 537 -36.61 -12.71 12.33
C PHE A 537 -36.03 -13.78 11.40
N ARG A 538 -36.72 -14.91 11.26
CA ARG A 538 -36.24 -15.97 10.39
C ARG A 538 -36.17 -15.51 8.94
N GLU A 539 -37.22 -14.82 8.47
CA GLU A 539 -37.24 -14.35 7.09
C GLU A 539 -36.15 -13.32 6.84
N LYS A 540 -35.97 -12.38 7.79
CA LYS A 540 -34.93 -11.37 7.64
C LYS A 540 -33.56 -12.02 7.58
N LEU A 541 -33.27 -12.95 8.50
CA LEU A 541 -31.97 -13.60 8.51
C LEU A 541 -31.75 -14.41 7.23
N ALA A 542 -32.78 -15.14 6.78
CA ALA A 542 -32.65 -15.94 5.57
C ALA A 542 -32.38 -15.07 4.35
N TYR A 543 -33.08 -13.95 4.23
CA TYR A 543 -32.84 -13.06 3.10
C TYR A 543 -31.53 -12.31 3.23
N ALA A 544 -30.99 -12.17 4.44
CA ALA A 544 -29.76 -11.42 4.64
C ALA A 544 -28.51 -12.25 4.40
N ILE A 545 -28.44 -13.46 4.97
CA ILE A 545 -27.21 -14.24 4.96
C ILE A 545 -27.17 -15.26 3.83
N ALA A 546 -28.10 -15.19 2.88
CA ALA A 546 -28.09 -16.12 1.77
C ALA A 546 -27.68 -15.42 0.48
N PRO A 547 -27.02 -16.13 -0.44
CA PRO A 547 -26.58 -15.50 -1.68
C PRO A 547 -27.75 -15.05 -2.54
N GLU A 548 -27.48 -14.09 -3.42
CA GLU A 548 -28.52 -13.55 -4.29
C GLU A 548 -29.05 -14.62 -5.24
N LYS A 549 -28.16 -15.45 -5.79
CA LYS A 549 -28.57 -16.48 -6.72
C LYS A 549 -29.38 -17.60 -6.06
N ASP A 550 -29.40 -17.66 -4.73
CA ASP A 550 -30.17 -18.65 -4.00
C ASP A 550 -31.58 -18.15 -3.64
N ARG A 551 -32.08 -17.13 -4.33
CA ARG A 551 -33.36 -16.54 -3.98
C ARG A 551 -34.50 -17.55 -4.16
N GLU A 552 -34.47 -18.31 -5.25
CA GLU A 552 -35.53 -19.27 -5.50
C GLU A 552 -35.58 -20.35 -4.43
N LEU A 553 -34.41 -20.86 -4.03
CA LEU A 553 -34.38 -21.87 -2.97
C LEU A 553 -34.79 -21.28 -1.63
N VAL A 554 -34.39 -20.04 -1.35
CA VAL A 554 -34.75 -19.40 -0.09
C VAL A 554 -36.25 -19.18 -0.01
N ASP A 555 -36.88 -18.83 -1.13
CA ASP A 555 -38.32 -18.63 -1.14
C ASP A 555 -39.06 -19.92 -0.77
N ARG A 556 -38.60 -21.06 -1.28
CA ARG A 556 -39.20 -22.33 -0.91
C ARG A 556 -38.93 -22.69 0.54
N GLY A 557 -37.82 -22.20 1.11
CA GLY A 557 -37.48 -22.49 2.48
C GLY A 557 -36.40 -23.55 2.60
N GLU A 558 -35.37 -23.45 1.78
CA GLU A 558 -34.27 -24.41 1.74
C GLU A 558 -32.93 -23.69 1.86
N VAL A 559 -32.82 -22.80 2.86
CA VAL A 559 -31.58 -22.07 3.07
C VAL A 559 -30.48 -23.02 3.50
N ARG A 560 -29.34 -22.97 2.80
CA ARG A 560 -28.23 -23.87 3.12
C ARG A 560 -27.50 -23.44 4.39
N GLN A 561 -27.54 -22.15 4.72
CA GLN A 561 -26.78 -21.66 5.86
C GLN A 561 -27.39 -22.09 7.18
N PHE A 562 -28.70 -22.37 7.20
CA PHE A 562 -29.34 -22.79 8.45
C PHE A 562 -28.85 -24.16 8.89
N THR A 563 -28.62 -25.07 7.94
CA THR A 563 -28.06 -26.36 8.28
C THR A 563 -26.61 -26.23 8.73
N LEU A 564 -26.23 -27.03 9.74
CA LEU A 564 -24.87 -26.99 10.25
C LEU A 564 -23.90 -27.78 9.40
N ARG A 565 -24.40 -28.65 8.52
CA ARG A 565 -23.52 -29.41 7.64
C ARG A 565 -22.76 -28.48 6.70
N HIS A 566 -23.42 -27.43 6.21
CA HIS A 566 -22.74 -26.45 5.38
C HIS A 566 -21.66 -25.71 6.17
N TRP A 567 -21.94 -25.40 7.44
CA TRP A 567 -20.96 -24.72 8.27
C TRP A 567 -19.74 -25.60 8.52
N LEU A 568 -19.94 -26.90 8.73
CA LEU A 568 -18.87 -27.84 9.03
C LEU A 568 -18.41 -28.61 7.81
N LYS A 569 -18.40 -27.99 6.64
CA LYS A 569 -17.99 -28.63 5.40
C LYS A 569 -16.70 -27.98 4.89
N VAL A 570 -15.71 -28.81 4.59
CA VAL A 570 -14.43 -28.31 4.10
C VAL A 570 -13.77 -29.37 3.22
#